data_1G1F
#
_entry.id   1G1F
#
_cell.length_a   42.545
_cell.length_b   89.124
_cell.length_c   50.126
_cell.angle_alpha   90.00
_cell.angle_beta   111.19
_cell.angle_gamma   90.00
#
_symmetry.space_group_name_H-M   'P 1 21 1'
#
loop_
_entity.id
_entity.type
_entity.pdbx_description
1 polymer 'PROTEIN TYROSINE PHOSPHATASE 1B'
2 polymer 'TRI-PHOSPHORYLATED PEPTIDE FROM THE INSULIN RECEPTOR KINASE'
3 water water
#
loop_
_entity_poly.entity_id
_entity_poly.type
_entity_poly.pdbx_seq_one_letter_code
_entity_poly.pdbx_strand_id
1 'polypeptide(L)'
;MEMEKEFEQIDKSGSWAAIYQDIRHEASDFPCRVAKLPKNKNRNRYRDVSPFDHSRIKLHQEDNDYINASLIKMEEAQRS
YILTQGPLPNTCGHFWEMVWEQKSRGVVMLNRVMEKGSLKCAQYWPQKEEKEMIFEDTNLKLTLISEDIKSYYTVRQLEL
ENLTTQETREILHFHYTTWPDFGVPESPASFLNFLFKVRESGSLSPEHGPVVVHASAGIGRSGTFCLADTCLLLMDKRKD
PSSVDIKKVLLEMRKFRMGLIQTADQLRFSYLAVIEGAKFIMGDSSVQDQWKELSHED
;
A
2 'polypeptide(L)' RDI(PTR)ETD(PTR)(PTR)RK B
#
# COMPACT_ATOMS: atom_id res chain seq x y z
N GLU A 2 -1.93 -20.80 -16.54
CA GLU A 2 -2.20 -19.41 -17.03
C GLU A 2 -3.32 -18.79 -16.17
N MET A 3 -3.18 -17.51 -15.85
CA MET A 3 -4.14 -16.80 -14.99
C MET A 3 -5.57 -16.58 -15.47
N GLU A 4 -5.76 -16.27 -16.75
CA GLU A 4 -7.11 -16.04 -17.29
C GLU A 4 -7.95 -17.31 -17.37
N LYS A 5 -7.34 -18.43 -17.75
CA LYS A 5 -8.07 -19.71 -17.82
C LYS A 5 -8.38 -20.20 -16.40
N GLU A 6 -7.49 -19.87 -15.46
CA GLU A 6 -7.64 -20.23 -14.05
C GLU A 6 -8.75 -19.41 -13.43
N PHE A 7 -8.82 -18.12 -13.78
CA PHE A 7 -9.85 -17.19 -13.30
C PHE A 7 -11.25 -17.71 -13.65
N GLU A 8 -11.43 -18.05 -14.93
CA GLU A 8 -12.70 -18.57 -15.45
C GLU A 8 -13.10 -19.92 -14.85
N GLN A 9 -12.10 -20.75 -14.56
CA GLN A 9 -12.28 -22.08 -13.97
C GLN A 9 -12.75 -21.98 -12.52
N ILE A 10 -12.21 -21.00 -11.78
CA ILE A 10 -12.58 -20.78 -10.38
C ILE A 10 -13.92 -20.05 -10.29
N ASP A 11 -14.19 -19.16 -11.26
CA ASP A 11 -15.44 -18.39 -11.32
C ASP A 11 -16.65 -19.29 -11.66
N LYS A 12 -16.40 -20.29 -12.51
CA LYS A 12 -17.43 -21.26 -12.93
C LYS A 12 -17.73 -22.25 -11.80
N SER A 13 -16.68 -22.66 -11.09
CA SER A 13 -16.79 -23.60 -9.97
C SER A 13 -17.31 -22.95 -8.69
N GLY A 14 -17.14 -21.63 -8.57
CA GLY A 14 -17.57 -20.88 -7.41
C GLY A 14 -16.72 -21.25 -6.20
N SER A 15 -15.43 -21.48 -6.45
CA SER A 15 -14.49 -21.91 -5.43
C SER A 15 -13.48 -20.85 -4.94
N TRP A 16 -13.84 -19.57 -5.02
CA TRP A 16 -12.94 -18.49 -4.58
C TRP A 16 -12.60 -18.54 -3.09
N ALA A 17 -13.56 -18.99 -2.28
CA ALA A 17 -13.38 -19.11 -0.83
C ALA A 17 -12.36 -20.22 -0.49
N ALA A 18 -12.43 -21.32 -1.25
CA ALA A 18 -11.54 -22.48 -1.08
C ALA A 18 -10.11 -22.19 -1.54
N ILE A 19 -9.97 -21.48 -2.67
CA ILE A 19 -8.67 -21.11 -3.24
C ILE A 19 -7.93 -20.14 -2.30
N TYR A 20 -8.67 -19.17 -1.77
CA TYR A 20 -8.10 -18.19 -0.84
C TYR A 20 -7.73 -18.81 0.52
N GLN A 21 -8.53 -19.78 0.97
CA GLN A 21 -8.28 -20.47 2.24
C GLN A 21 -7.03 -21.35 2.16
N ASP A 22 -6.69 -21.80 0.94
CA ASP A 22 -5.50 -22.62 0.71
C ASP A 22 -4.24 -21.75 0.78
N ILE A 23 -4.35 -20.49 0.37
CA ILE A 23 -3.25 -19.51 0.40
C ILE A 23 -2.94 -19.17 1.87
N ARG A 24 -4.00 -18.99 2.67
CA ARG A 24 -3.90 -18.69 4.09
C ARG A 24 -3.21 -19.80 4.88
N HIS A 25 -3.50 -21.04 4.49
CA HIS A 25 -2.93 -22.24 5.11
C HIS A 25 -1.44 -22.39 4.76
N GLU A 26 -1.09 -22.06 3.52
CA GLU A 26 0.28 -22.14 3.02
C GLU A 26 1.18 -20.96 3.41
N ALA A 27 0.56 -19.86 3.86
CA ALA A 27 1.26 -18.63 4.24
C ALA A 27 2.30 -18.77 5.36
N SER A 28 3.40 -18.04 5.22
CA SER A 28 4.51 -18.02 6.17
C SER A 28 4.11 -17.56 7.57
N ASP A 29 4.83 -18.07 8.57
CA ASP A 29 4.63 -17.72 9.96
C ASP A 29 6.02 -17.51 10.58
N PHE A 30 6.35 -16.24 10.78
CA PHE A 30 7.63 -15.82 11.37
C PHE A 30 7.36 -15.07 12.67
N PRO A 31 8.36 -14.97 13.58
CA PRO A 31 8.16 -14.26 14.86
C PRO A 31 7.96 -12.74 14.72
N CYS A 32 7.22 -12.20 15.68
CA CYS A 32 6.92 -10.77 15.77
C CYS A 32 7.18 -10.39 17.22
N ARG A 33 8.36 -10.80 17.72
CA ARG A 33 8.80 -10.57 19.11
C ARG A 33 8.90 -9.11 19.53
N VAL A 34 9.46 -8.26 18.67
CA VAL A 34 9.62 -6.83 18.98
C VAL A 34 8.26 -6.11 19.03
N ALA A 35 7.34 -6.54 18.15
CA ALA A 35 5.99 -5.99 18.08
C ALA A 35 5.13 -6.31 19.28
N LYS A 36 5.34 -7.50 19.84
CA LYS A 36 4.60 -7.99 20.99
C LYS A 36 5.18 -7.57 22.35
N LEU A 37 6.27 -6.80 22.31
CA LEU A 37 6.94 -6.27 23.49
C LEU A 37 6.01 -5.27 24.19
N PRO A 38 5.85 -5.36 25.54
CA PRO A 38 4.99 -4.48 26.33
C PRO A 38 5.08 -2.98 26.07
N LYS A 39 6.30 -2.48 25.87
CA LYS A 39 6.56 -1.05 25.60
C LYS A 39 6.03 -0.58 24.23
N ASN A 40 5.77 -1.54 23.34
CA ASN A 40 5.28 -1.27 21.98
C ASN A 40 3.79 -1.49 21.79
N LYS A 41 3.07 -1.73 22.88
CA LYS A 41 1.62 -1.98 22.86
C LYS A 41 0.82 -0.81 22.27
N ASN A 42 1.16 0.42 22.68
CA ASN A 42 0.48 1.62 22.19
C ASN A 42 0.91 2.08 20.79
N ARG A 43 1.87 1.37 20.20
CA ARG A 43 2.36 1.67 18.86
C ARG A 43 1.69 0.79 17.79
N ASN A 44 0.84 -0.12 18.24
CA ASN A 44 0.11 -1.03 17.38
C ASN A 44 -1.38 -0.70 17.40
N ARG A 45 -1.95 -0.51 16.21
CA ARG A 45 -3.38 -0.19 16.06
C ARG A 45 -4.23 -1.43 16.35
N TYR A 46 -3.76 -2.58 15.88
CA TYR A 46 -4.47 -3.85 16.08
C TYR A 46 -3.55 -4.92 16.67
N ARG A 47 -4.11 -5.71 17.59
CA ARG A 47 -3.39 -6.80 18.28
C ARG A 47 -3.07 -7.98 17.37
N ASP A 48 -3.83 -8.15 16.30
CA ASP A 48 -3.65 -9.24 15.35
C ASP A 48 -2.90 -8.91 14.06
N VAL A 49 -2.42 -7.66 13.96
CA VAL A 49 -1.66 -7.21 12.78
C VAL A 49 -0.32 -6.69 13.28
N SER A 50 0.72 -7.50 13.08
CA SER A 50 2.07 -7.19 13.53
C SER A 50 3.11 -7.48 12.45
N PRO A 51 4.20 -6.68 12.39
CA PRO A 51 5.21 -6.94 11.38
C PRO A 51 6.16 -8.05 11.84
N PHE A 52 6.76 -8.76 10.89
CA PHE A 52 7.71 -9.82 11.21
C PHE A 52 9.02 -9.14 11.59
N ASP A 53 9.75 -9.73 12.55
CA ASP A 53 11.03 -9.19 13.01
C ASP A 53 12.09 -9.05 11.91
N HIS A 54 12.12 -10.03 11.01
CA HIS A 54 13.09 -10.04 9.92
C HIS A 54 12.93 -8.98 8.84
N SER A 55 11.68 -8.53 8.64
CA SER A 55 11.36 -7.55 7.62
C SER A 55 10.85 -6.19 8.12
N ARG A 56 10.79 -6.00 9.44
CA ARG A 56 10.31 -4.75 10.02
C ARG A 56 11.24 -3.56 9.74
N ILE A 57 10.64 -2.38 9.59
CA ILE A 57 11.40 -1.16 9.35
C ILE A 57 11.81 -0.62 10.73
N LYS A 58 13.09 -0.32 10.87
CA LYS A 58 13.63 0.21 12.12
C LYS A 58 13.86 1.71 11.99
N LEU A 59 13.40 2.47 12.99
CA LEU A 59 13.60 3.92 13.03
C LEU A 59 15.04 4.16 13.50
N HIS A 60 15.65 5.27 13.09
CA HIS A 60 17.05 5.57 13.47
C HIS A 60 17.25 6.27 14.82
N GLN A 61 16.30 6.10 15.73
CA GLN A 61 16.41 6.68 17.06
C GLN A 61 16.81 5.60 18.08
N GLU A 62 17.73 5.96 18.97
CA GLU A 62 18.27 5.05 20.00
C GLU A 62 17.29 4.63 21.09
N ASP A 63 16.28 5.47 21.31
CA ASP A 63 15.24 5.25 22.32
C ASP A 63 14.42 3.97 22.05
N ASN A 64 13.65 3.98 20.96
CA ASN A 64 12.82 2.84 20.55
C ASN A 64 12.74 2.91 19.02
N ASP A 65 13.24 1.88 18.36
CA ASP A 65 13.24 1.82 16.90
C ASP A 65 11.97 1.24 16.26
N TYR A 66 10.95 0.99 17.06
CA TYR A 66 9.72 0.37 16.56
C TYR A 66 8.62 1.20 15.91
N ILE A 67 8.13 0.64 14.80
CA ILE A 67 7.01 1.16 14.03
C ILE A 67 6.38 -0.07 13.37
N ASN A 68 5.05 -0.13 13.35
CA ASN A 68 4.34 -1.24 12.72
C ASN A 68 4.41 -1.01 11.21
N ALA A 69 5.52 -1.45 10.62
CA ALA A 69 5.82 -1.31 9.19
C ALA A 69 6.74 -2.42 8.74
N SER A 70 6.53 -2.88 7.51
CA SER A 70 7.32 -3.97 6.93
C SER A 70 7.84 -3.63 5.54
N LEU A 71 9.02 -4.14 5.19
CA LEU A 71 9.60 -3.93 3.87
C LEU A 71 9.35 -5.15 3.00
N ILE A 72 8.58 -4.96 1.92
CA ILE A 72 8.29 -6.05 0.99
C ILE A 72 9.30 -5.92 -0.14
N LYS A 73 10.30 -6.79 -0.12
CA LYS A 73 11.37 -6.80 -1.13
C LYS A 73 11.08 -7.85 -2.20
N MET A 74 10.55 -7.41 -3.34
CA MET A 74 10.24 -8.31 -4.45
C MET A 74 11.47 -8.32 -5.37
N GLU A 75 12.32 -9.31 -5.13
CA GLU A 75 13.60 -9.55 -5.80
C GLU A 75 13.60 -9.63 -7.33
N GLU A 76 12.72 -10.45 -7.90
CA GLU A 76 12.65 -10.61 -9.35
C GLU A 76 12.01 -9.41 -10.06
N ALA A 77 10.97 -8.86 -9.43
CA ALA A 77 10.26 -7.69 -9.97
C ALA A 77 11.05 -6.40 -9.82
N GLN A 78 12.07 -6.44 -8.97
CA GLN A 78 12.97 -5.32 -8.67
C GLN A 78 12.25 -4.07 -8.14
N ARG A 79 11.34 -4.31 -7.20
CA ARG A 79 10.56 -3.25 -6.56
C ARG A 79 10.36 -3.57 -5.09
N SER A 80 10.41 -2.52 -4.27
CA SER A 80 10.22 -2.61 -2.84
C SER A 80 9.11 -1.68 -2.40
N TYR A 81 8.35 -2.11 -1.39
CA TYR A 81 7.24 -1.33 -0.84
C TYR A 81 7.30 -1.42 0.68
N ILE A 82 6.88 -0.35 1.36
CA ILE A 82 6.80 -0.36 2.82
C ILE A 82 5.32 -0.37 3.13
N LEU A 83 4.83 -1.48 3.71
CA LEU A 83 3.42 -1.56 4.09
C LEU A 83 3.34 -1.32 5.58
N THR A 84 2.52 -0.33 5.93
CA THR A 84 2.36 0.07 7.33
C THR A 84 0.88 0.25 7.68
N GLN A 85 0.61 0.40 8.97
CA GLN A 85 -0.75 0.63 9.46
C GLN A 85 -1.06 2.12 9.35
N GLY A 86 -2.35 2.46 9.50
CA GLY A 86 -2.75 3.86 9.50
C GLY A 86 -2.18 4.36 10.83
N PRO A 87 -1.29 5.38 10.83
CA PRO A 87 -0.71 5.86 12.08
C PRO A 87 -1.70 6.33 13.13
N LEU A 88 -1.34 6.07 14.38
CA LEU A 88 -2.11 6.42 15.57
C LEU A 88 -1.73 7.85 15.98
N PRO A 89 -2.54 8.51 16.85
CA PRO A 89 -2.22 9.89 17.27
C PRO A 89 -0.80 10.09 17.84
N ASN A 90 -0.24 9.02 18.43
CA ASN A 90 1.11 9.05 19.01
C ASN A 90 2.21 8.54 18.08
N THR A 91 1.84 8.01 16.91
CA THR A 91 2.82 7.49 15.95
C THR A 91 2.91 8.28 14.63
N CYS A 92 2.26 9.44 14.56
CA CYS A 92 2.30 10.29 13.36
C CYS A 92 3.70 10.85 13.12
N GLY A 93 4.44 11.07 14.22
CA GLY A 93 5.81 11.57 14.12
C GLY A 93 6.73 10.46 13.65
N HIS A 94 6.47 9.23 14.11
CA HIS A 94 7.24 8.03 13.74
C HIS A 94 7.04 7.71 12.27
N PHE A 95 5.81 7.89 11.79
CA PHE A 95 5.43 7.64 10.39
C PHE A 95 6.28 8.52 9.47
N TRP A 96 6.31 9.81 9.77
CA TRP A 96 7.09 10.77 8.98
C TRP A 96 8.59 10.66 9.15
N GLU A 97 9.02 10.11 10.29
CA GLU A 97 10.44 9.86 10.57
C GLU A 97 10.89 8.72 9.63
N MET A 98 10.00 7.74 9.45
CA MET A 98 10.24 6.59 8.57
C MET A 98 10.34 7.06 7.11
N VAL A 99 9.39 7.90 6.68
CA VAL A 99 9.37 8.44 5.31
C VAL A 99 10.69 9.18 5.01
N TRP A 100 11.17 9.94 5.98
CA TRP A 100 12.42 10.68 5.85
C TRP A 100 13.64 9.75 5.74
N GLU A 101 13.81 8.89 6.73
CA GLU A 101 14.93 7.95 6.81
C GLU A 101 15.02 6.96 5.66
N GLN A 102 13.87 6.46 5.21
CA GLN A 102 13.82 5.51 4.10
C GLN A 102 13.85 6.20 2.73
N LYS A 103 13.90 7.54 2.74
CA LYS A 103 13.95 8.41 1.54
C LYS A 103 12.80 8.23 0.55
N SER A 104 11.61 7.92 1.08
CA SER A 104 10.40 7.71 0.28
C SER A 104 9.93 9.01 -0.36
N ARG A 105 9.46 8.92 -1.62
CA ARG A 105 8.97 10.11 -2.34
C ARG A 105 7.44 10.07 -2.45
N GLY A 106 6.85 8.89 -2.25
CA GLY A 106 5.41 8.77 -2.34
C GLY A 106 4.77 7.98 -1.21
N VAL A 107 3.56 8.38 -0.87
CA VAL A 107 2.76 7.73 0.17
C VAL A 107 1.40 7.42 -0.47
N VAL A 108 1.03 6.14 -0.44
CA VAL A 108 -0.24 5.67 -1.00
C VAL A 108 -1.18 5.31 0.16
N MET A 109 -2.28 6.06 0.27
CA MET A 109 -3.29 5.85 1.30
C MET A 109 -4.55 5.27 0.63
N LEU A 110 -4.97 4.10 1.09
CA LEU A 110 -6.11 3.40 0.50
C LEU A 110 -7.39 3.36 1.35
N ASN A 111 -7.37 4.11 2.46
CA ASN A 111 -8.49 4.19 3.38
C ASN A 111 -8.88 5.64 3.65
N ARG A 112 -9.88 5.82 4.51
CA ARG A 112 -10.34 7.14 4.93
C ARG A 112 -10.13 7.20 6.45
N VAL A 113 -9.98 8.42 6.97
CA VAL A 113 -9.78 8.69 8.40
C VAL A 113 -10.92 8.11 9.26
N MET A 114 -12.14 8.19 8.72
CA MET A 114 -13.33 7.67 9.40
C MET A 114 -14.17 6.82 8.44
N GLU A 115 -14.28 5.53 8.76
CA GLU A 115 -15.06 4.58 7.96
C GLU A 115 -16.16 3.95 8.83
N LYS A 116 -17.40 4.25 8.47
CA LYS A 116 -18.63 3.79 9.15
C LYS A 116 -18.78 4.29 10.60
N GLY A 117 -18.26 5.50 10.85
CA GLY A 117 -18.34 6.11 12.17
C GLY A 117 -17.28 5.69 13.17
N SER A 118 -16.16 5.17 12.67
CA SER A 118 -15.06 4.71 13.51
C SER A 118 -13.70 5.18 12.98
N LEU A 119 -12.84 5.63 13.90
CA LEU A 119 -11.49 6.12 13.57
C LEU A 119 -10.58 4.96 13.16
N LYS A 120 -10.22 4.94 11.87
CA LYS A 120 -9.38 3.90 11.28
C LYS A 120 -7.95 4.38 11.00
N CYS A 121 -7.76 5.70 11.03
CA CYS A 121 -6.47 6.33 10.77
C CYS A 121 -6.50 7.75 11.34
N ALA A 122 -5.33 8.23 11.77
CA ALA A 122 -5.20 9.58 12.31
C ALA A 122 -5.00 10.57 11.17
N GLN A 123 -5.33 11.84 11.43
CA GLN A 123 -5.18 12.92 10.45
C GLN A 123 -3.69 13.32 10.53
N TYR A 124 -2.88 12.56 9.80
CA TYR A 124 -1.42 12.75 9.78
C TYR A 124 -0.85 13.80 8.84
N TRP A 125 -1.69 14.35 7.97
CA TRP A 125 -1.25 15.37 7.01
C TRP A 125 -2.12 16.64 7.18
N PRO A 126 -1.58 17.84 6.84
CA PRO A 126 -2.37 19.06 6.96
C PRO A 126 -3.44 19.22 5.88
N GLN A 127 -4.63 19.62 6.30
CA GLN A 127 -5.78 19.82 5.41
C GLN A 127 -5.79 21.19 4.75
N LYS A 128 -5.20 22.16 5.44
CA LYS A 128 -5.11 23.54 4.96
C LYS A 128 -3.64 23.95 4.88
N GLU A 129 -3.29 24.64 3.80
CA GLU A 129 -1.91 25.08 3.58
C GLU A 129 -1.34 26.08 4.59
N GLU A 130 -2.21 26.89 5.17
CA GLU A 130 -1.85 27.90 6.18
C GLU A 130 -1.67 27.26 7.56
N LYS A 131 -2.08 25.99 7.67
CA LYS A 131 -2.01 25.22 8.92
C LYS A 131 -1.05 24.03 8.82
N GLU A 132 0.26 24.30 8.86
CA GLU A 132 1.27 23.24 8.80
C GLU A 132 1.33 22.44 10.10
N MET A 133 1.91 21.24 10.02
CA MET A 133 2.04 20.37 11.17
C MET A 133 3.49 20.21 11.59
N ILE A 134 3.75 20.42 12.88
CA ILE A 134 5.08 20.25 13.46
C ILE A 134 5.02 19.06 14.41
N PHE A 135 5.91 18.09 14.14
CA PHE A 135 6.03 16.89 14.96
C PHE A 135 7.25 17.12 15.84
N GLU A 136 7.00 17.70 17.01
CA GLU A 136 8.03 18.06 18.00
C GLU A 136 8.94 16.92 18.47
N ASP A 137 8.40 15.71 18.51
CA ASP A 137 9.13 14.51 18.93
C ASP A 137 10.30 14.12 18.01
N THR A 138 10.11 14.32 16.70
CA THR A 138 11.08 13.96 15.68
C THR A 138 11.72 15.16 14.96
N ASN A 139 11.27 16.37 15.32
CA ASN A 139 11.74 17.65 14.76
C ASN A 139 11.51 17.77 13.23
N LEU A 140 10.29 17.46 12.82
CA LEU A 140 9.87 17.51 11.42
C LEU A 140 8.70 18.46 11.22
N LYS A 141 8.69 19.11 10.05
CA LYS A 141 7.65 20.06 9.67
C LYS A 141 7.02 19.59 8.35
N LEU A 142 5.69 19.57 8.31
CA LEU A 142 4.97 19.13 7.11
C LEU A 142 3.96 20.19 6.67
N THR A 143 4.05 20.59 5.41
CA THR A 143 3.17 21.63 4.85
C THR A 143 2.47 21.16 3.59
N LEU A 144 1.18 21.49 3.47
CA LEU A 144 0.41 21.16 2.27
C LEU A 144 0.71 22.24 1.23
N ILE A 145 1.24 21.81 0.08
CA ILE A 145 1.59 22.73 -1.00
C ILE A 145 0.39 22.93 -1.95
N SER A 146 -0.24 21.83 -2.36
CA SER A 146 -1.40 21.86 -3.26
C SER A 146 -2.10 20.50 -3.28
N GLU A 147 -3.32 20.50 -3.82
CA GLU A 147 -4.11 19.28 -3.95
C GLU A 147 -5.00 19.26 -5.19
N ASP A 148 -5.02 18.11 -5.84
CA ASP A 148 -5.82 17.88 -7.03
C ASP A 148 -6.86 16.83 -6.66
N ILE A 149 -8.07 17.31 -6.38
CA ILE A 149 -9.19 16.46 -5.99
C ILE A 149 -9.97 15.96 -7.20
N LYS A 150 -10.11 14.63 -7.27
CA LYS A 150 -10.87 13.97 -8.32
C LYS A 150 -12.07 13.29 -7.66
N SER A 151 -12.94 12.65 -8.44
CA SER A 151 -14.14 12.02 -7.91
C SER A 151 -13.97 10.89 -6.89
N TYR A 152 -12.97 10.04 -7.12
CA TYR A 152 -12.71 8.92 -6.22
C TYR A 152 -11.31 8.89 -5.58
N TYR A 153 -10.46 9.84 -5.96
CA TYR A 153 -9.10 9.92 -5.41
C TYR A 153 -8.58 11.36 -5.37
N THR A 154 -7.57 11.59 -4.52
CA THR A 154 -6.95 12.90 -4.37
C THR A 154 -5.42 12.77 -4.36
N VAL A 155 -4.75 13.65 -5.10
CA VAL A 155 -3.29 13.66 -5.15
C VAL A 155 -2.87 14.96 -4.47
N ARG A 156 -2.03 14.85 -3.44
CA ARG A 156 -1.54 16.00 -2.70
C ARG A 156 -0.04 16.15 -2.80
N GLN A 157 0.40 17.40 -2.89
CA GLN A 157 1.82 17.74 -2.96
C GLN A 157 2.17 18.28 -1.56
N LEU A 158 3.06 17.58 -0.86
CA LEU A 158 3.47 17.96 0.49
C LEU A 158 4.95 18.28 0.55
N GLU A 159 5.32 19.16 1.49
CA GLU A 159 6.72 19.54 1.70
C GLU A 159 7.08 19.03 3.10
N LEU A 160 8.09 18.14 3.15
CA LEU A 160 8.56 17.59 4.42
C LEU A 160 9.92 18.23 4.70
N GLU A 161 10.05 18.83 5.89
CA GLU A 161 11.29 19.49 6.28
C GLU A 161 11.88 19.01 7.61
N ASN A 162 13.19 18.78 7.61
CA ASN A 162 13.94 18.38 8.81
C ASN A 162 14.33 19.74 9.40
N LEU A 163 13.82 20.03 10.60
CA LEU A 163 14.09 21.32 11.26
C LEU A 163 15.51 21.50 11.81
N THR A 164 16.24 20.39 11.94
CA THR A 164 17.61 20.39 12.45
C THR A 164 18.61 20.76 11.35
N THR A 165 18.40 20.21 10.15
CA THR A 165 19.27 20.44 8.99
C THR A 165 18.77 21.46 7.97
N GLN A 166 17.47 21.77 8.03
CA GLN A 166 16.76 22.70 7.12
C GLN A 166 16.57 22.13 5.70
N GLU A 167 16.78 20.82 5.56
CA GLU A 167 16.62 20.13 4.27
C GLU A 167 15.14 19.94 3.96
N THR A 168 14.80 20.20 2.70
CA THR A 168 13.42 20.13 2.18
C THR A 168 13.26 19.01 1.14
N ARG A 169 12.12 18.31 1.20
CA ARG A 169 11.77 17.23 0.26
C ARG A 169 10.31 17.29 -0.13
N GLU A 170 10.04 16.99 -1.40
CA GLU A 170 8.67 16.96 -1.94
C GLU A 170 8.13 15.55 -1.82
N ILE A 171 7.00 15.40 -1.15
CA ILE A 171 6.33 14.10 -0.96
C ILE A 171 4.97 14.16 -1.66
N LEU A 172 4.69 13.15 -2.48
CA LEU A 172 3.40 13.06 -3.17
C LEU A 172 2.53 12.09 -2.39
N HIS A 173 1.29 12.52 -2.13
CA HIS A 173 0.32 11.73 -1.37
C HIS A 173 -0.85 11.30 -2.26
N PHE A 174 -0.93 9.99 -2.54
CA PHE A 174 -1.98 9.41 -3.38
C PHE A 174 -3.05 8.76 -2.50
N HIS A 175 -4.19 9.45 -2.39
CA HIS A 175 -5.29 9.01 -1.54
C HIS A 175 -6.50 8.46 -2.31
N TYR A 176 -6.72 7.15 -2.22
CA TYR A 176 -7.89 6.49 -2.83
C TYR A 176 -8.97 6.64 -1.76
N THR A 177 -10.02 7.41 -2.08
CA THR A 177 -11.08 7.70 -1.12
C THR A 177 -12.37 6.86 -1.15
N THR A 178 -12.50 5.97 -2.13
CA THR A 178 -13.73 5.15 -2.26
C THR A 178 -13.56 3.63 -2.13
N TRP A 179 -12.45 3.21 -1.53
CA TRP A 179 -12.18 1.79 -1.32
C TRP A 179 -12.55 1.45 0.14
N PRO A 180 -13.70 0.77 0.33
CA PRO A 180 -14.16 0.41 1.69
C PRO A 180 -13.33 -0.69 2.35
N ASP A 181 -13.41 -0.75 3.68
CA ASP A 181 -12.68 -1.76 4.45
C ASP A 181 -13.21 -3.14 4.10
N PHE A 182 -12.27 -4.06 3.82
CA PHE A 182 -12.56 -5.46 3.44
C PHE A 182 -13.38 -5.52 2.15
N GLY A 183 -13.25 -4.47 1.35
CA GLY A 183 -13.95 -4.38 0.09
C GLY A 183 -13.00 -4.28 -1.09
N VAL A 184 -13.56 -4.04 -2.27
CA VAL A 184 -12.81 -3.94 -3.51
C VAL A 184 -13.13 -2.60 -4.22
N PRO A 185 -12.27 -2.13 -5.17
CA PRO A 185 -12.57 -0.87 -5.88
C PRO A 185 -13.81 -1.07 -6.78
N GLU A 186 -14.33 0.04 -7.29
CA GLU A 186 -15.52 0.06 -8.15
C GLU A 186 -15.39 -0.76 -9.43
N SER A 187 -14.21 -0.71 -10.06
CA SER A 187 -13.94 -1.40 -11.31
C SER A 187 -12.42 -1.56 -11.50
N PRO A 188 -11.98 -2.50 -12.38
CA PRO A 188 -10.53 -2.65 -12.62
C PRO A 188 -9.95 -1.37 -13.24
N ALA A 189 -10.80 -0.69 -14.02
CA ALA A 189 -10.44 0.57 -14.69
C ALA A 189 -10.12 1.70 -13.71
N SER A 190 -10.91 1.82 -12.65
CA SER A 190 -10.71 2.84 -11.62
C SER A 190 -9.45 2.58 -10.81
N PHE A 191 -9.18 1.30 -10.55
CA PHE A 191 -7.98 0.90 -9.80
C PHE A 191 -6.71 1.15 -10.63
N LEU A 192 -6.72 0.68 -11.87
CA LEU A 192 -5.59 0.82 -12.78
C LEU A 192 -5.26 2.26 -13.16
N ASN A 193 -6.30 3.10 -13.27
CA ASN A 193 -6.12 4.52 -13.58
C ASN A 193 -5.32 5.16 -12.42
N PHE A 194 -5.65 4.74 -11.20
CA PHE A 194 -4.98 5.21 -9.98
C PHE A 194 -3.55 4.67 -9.91
N LEU A 195 -3.39 3.34 -10.10
CA LEU A 195 -2.07 2.70 -10.06
C LEU A 195 -1.08 3.32 -11.04
N PHE A 196 -1.56 3.60 -12.26
CA PHE A 196 -0.71 4.21 -13.28
C PHE A 196 -0.39 5.67 -13.04
N LYS A 197 -1.22 6.34 -12.25
CA LYS A 197 -1.00 7.74 -11.86
C LYS A 197 0.18 7.74 -10.86
N VAL A 198 0.23 6.71 -10.01
CA VAL A 198 1.31 6.55 -9.02
C VAL A 198 2.63 6.20 -9.75
N ARG A 199 2.52 5.36 -10.78
CA ARG A 199 3.67 4.94 -11.58
C ARG A 199 4.29 6.10 -12.39
N GLU A 200 3.44 6.88 -13.05
CA GLU A 200 3.87 8.02 -13.89
C GLU A 200 4.45 9.22 -13.14
N SER A 201 4.22 9.27 -11.82
CA SER A 201 4.70 10.36 -10.99
C SER A 201 6.20 10.25 -10.66
N GLY A 202 6.71 9.03 -10.76
CA GLY A 202 8.12 8.76 -10.47
C GLY A 202 8.35 8.29 -9.04
N SER A 203 7.27 8.17 -8.27
CA SER A 203 7.32 7.73 -6.85
C SER A 203 7.80 6.30 -6.62
N LEU A 204 7.62 5.46 -7.64
CA LEU A 204 8.01 4.05 -7.59
C LEU A 204 9.39 3.73 -8.17
N SER A 205 10.12 4.77 -8.56
CA SER A 205 11.47 4.66 -9.13
C SER A 205 12.52 4.19 -8.11
N PRO A 206 13.46 3.31 -8.52
CA PRO A 206 14.51 2.80 -7.62
C PRO A 206 15.54 3.84 -7.16
N GLU A 207 15.48 5.04 -7.75
CA GLU A 207 16.35 6.17 -7.41
C GLU A 207 15.94 6.77 -6.07
N HIS A 208 14.68 6.51 -5.71
CA HIS A 208 14.09 6.97 -4.44
C HIS A 208 13.95 5.76 -3.53
N GLY A 209 13.54 6.03 -2.29
CA GLY A 209 13.30 4.97 -1.33
C GLY A 209 11.98 4.29 -1.66
N PRO A 210 11.62 3.19 -0.97
CA PRO A 210 10.37 2.47 -1.22
C PRO A 210 9.11 3.29 -0.94
N VAL A 211 8.09 3.10 -1.77
CA VAL A 211 6.82 3.80 -1.60
C VAL A 211 6.14 3.26 -0.32
N VAL A 212 5.54 4.16 0.45
CA VAL A 212 4.83 3.77 1.66
C VAL A 212 3.37 3.54 1.26
N VAL A 213 2.87 2.32 1.49
CA VAL A 213 1.50 1.97 1.16
C VAL A 213 0.80 1.57 2.46
N HIS A 214 -0.36 2.16 2.71
CA HIS A 214 -1.12 1.86 3.91
C HIS A 214 -2.62 1.92 3.73
N ALA A 215 -3.31 1.34 4.70
CA ALA A 215 -4.77 1.30 4.80
C ALA A 215 -4.96 1.49 6.32
N SER A 216 -5.88 0.77 6.96
CA SER A 216 -6.05 0.89 8.41
C SER A 216 -5.01 -0.01 9.09
N ALA A 217 -4.96 -1.27 8.64
CA ALA A 217 -4.00 -2.24 9.15
C ALA A 217 -2.80 -2.33 8.21
N GLY A 218 -3.03 -1.97 6.96
CA GLY A 218 -2.00 -2.00 5.94
C GLY A 218 -1.67 -3.40 5.46
N ILE A 219 -2.71 -4.25 5.38
CA ILE A 219 -2.54 -5.62 4.90
C ILE A 219 -3.55 -6.02 3.81
N GLY A 220 -4.81 -5.64 4.01
CA GLY A 220 -5.89 -5.99 3.08
C GLY A 220 -5.90 -5.29 1.75
N ARG A 221 -6.18 -3.99 1.79
CA ARG A 221 -6.23 -3.15 0.59
C ARG A 221 -4.82 -2.93 0.04
N SER A 222 -3.86 -2.87 0.95
CA SER A 222 -2.44 -2.68 0.61
C SER A 222 -1.88 -3.87 -0.15
N GLY A 223 -2.27 -5.07 0.27
CA GLY A 223 -1.83 -6.30 -0.37
C GLY A 223 -2.38 -6.42 -1.79
N THR A 224 -3.61 -5.95 -2.00
CA THR A 224 -4.28 -5.97 -3.31
C THR A 224 -3.55 -5.06 -4.30
N PHE A 225 -3.19 -3.86 -3.82
CA PHE A 225 -2.48 -2.85 -4.59
C PHE A 225 -1.08 -3.34 -5.02
N CYS A 226 -0.33 -3.84 -4.04
CA CYS A 226 1.02 -4.33 -4.27
C CYS A 226 1.10 -5.60 -5.13
N LEU A 227 0.13 -6.50 -4.98
CA LEU A 227 0.09 -7.73 -5.76
C LEU A 227 -0.15 -7.42 -7.24
N ALA A 228 -1.11 -6.52 -7.49
CA ALA A 228 -1.44 -6.11 -8.85
C ALA A 228 -0.25 -5.42 -9.51
N ASP A 229 0.42 -4.53 -8.78
CA ASP A 229 1.59 -3.81 -9.29
C ASP A 229 2.77 -4.75 -9.61
N THR A 230 3.07 -5.67 -8.68
CA THR A 230 4.16 -6.65 -8.84
C THR A 230 3.92 -7.62 -10.00
N CYS A 231 2.69 -8.12 -10.14
CA CYS A 231 2.34 -9.06 -11.21
C CYS A 231 2.43 -8.42 -12.60
N LEU A 232 2.17 -7.11 -12.66
CA LEU A 232 2.25 -6.35 -13.90
C LEU A 232 3.70 -6.08 -14.29
N LEU A 233 4.57 -5.92 -13.28
CA LEU A 233 5.99 -5.70 -13.49
C LEU A 233 6.67 -6.96 -14.01
N LEU A 234 6.26 -8.11 -13.49
CA LEU A 234 6.80 -9.41 -13.86
C LEU A 234 6.51 -9.82 -15.31
N MET A 235 5.31 -9.50 -15.79
CA MET A 235 4.95 -9.84 -17.17
C MET A 235 5.49 -8.89 -18.24
N ASP A 236 6.42 -8.02 -17.82
CA ASP A 236 7.06 -7.06 -18.71
C ASP A 236 8.50 -7.46 -19.01
N LYS A 237 9.18 -8.05 -18.02
CA LYS A 237 10.57 -8.46 -18.17
C LYS A 237 10.86 -9.95 -18.34
N ARG A 238 9.82 -10.78 -18.25
CA ARG A 238 9.97 -12.23 -18.37
C ARG A 238 9.98 -12.81 -19.80
N LYS A 239 9.56 -12.00 -20.78
CA LYS A 239 9.47 -12.37 -22.20
C LYS A 239 8.47 -13.51 -22.49
N ASP A 240 7.76 -13.90 -21.44
CA ASP A 240 6.72 -14.93 -21.45
C ASP A 240 5.75 -14.38 -20.39
N PRO A 241 4.73 -13.58 -20.82
CA PRO A 241 3.74 -12.98 -19.93
C PRO A 241 2.86 -13.95 -19.14
N SER A 242 2.50 -15.06 -19.78
CA SER A 242 1.64 -16.10 -19.20
C SER A 242 2.26 -16.95 -18.09
N SER A 243 3.55 -16.79 -17.83
CA SER A 243 4.26 -17.55 -16.79
C SER A 243 4.05 -17.02 -15.36
N VAL A 244 3.33 -15.89 -15.23
CA VAL A 244 3.08 -15.28 -13.92
C VAL A 244 1.93 -15.96 -13.16
N ASP A 245 2.30 -16.51 -12.00
CA ASP A 245 1.37 -17.19 -11.12
C ASP A 245 1.08 -16.23 -9.96
N ILE A 246 -0.12 -15.67 -9.96
CA ILE A 246 -0.60 -14.72 -8.95
C ILE A 246 -0.56 -15.25 -7.51
N LYS A 247 -0.97 -16.51 -7.32
CA LYS A 247 -1.00 -17.15 -6.00
C LYS A 247 0.41 -17.31 -5.41
N LYS A 248 1.38 -17.61 -6.27
CA LYS A 248 2.78 -17.78 -5.88
C LYS A 248 3.41 -16.43 -5.52
N VAL A 249 3.03 -15.38 -6.25
CA VAL A 249 3.54 -14.02 -6.00
C VAL A 249 2.99 -13.51 -4.65
N LEU A 250 1.74 -13.85 -4.34
CA LEU A 250 1.10 -13.44 -3.08
C LEU A 250 1.72 -14.15 -1.88
N LEU A 251 2.10 -15.42 -2.07
CA LEU A 251 2.75 -16.20 -1.01
C LEU A 251 4.17 -15.69 -0.76
N GLU A 252 4.82 -15.19 -1.80
CA GLU A 252 6.17 -14.61 -1.74
C GLU A 252 6.09 -13.29 -0.96
N MET A 253 5.02 -12.55 -1.20
CA MET A 253 4.76 -11.27 -0.51
C MET A 253 4.47 -11.50 0.96
N ARG A 254 3.72 -12.58 1.25
CA ARG A 254 3.36 -12.94 2.63
C ARG A 254 4.50 -13.44 3.51
N LYS A 255 5.70 -13.52 2.90
CA LYS A 255 6.91 -13.91 3.62
C LYS A 255 7.45 -12.66 4.34
N PHE A 256 6.99 -11.50 3.90
CA PHE A 256 7.41 -10.20 4.45
C PHE A 256 6.42 -9.51 5.38
N ARG A 257 5.13 -9.75 5.18
CA ARG A 257 4.10 -9.19 6.07
C ARG A 257 2.91 -10.14 6.05
N MET A 258 2.35 -10.38 7.23
CA MET A 258 1.20 -11.27 7.41
C MET A 258 -0.10 -10.75 6.82
N GLY A 259 -0.99 -11.70 6.51
CA GLY A 259 -2.32 -11.41 6.00
C GLY A 259 -2.57 -10.53 4.79
N LEU A 260 -1.60 -10.43 3.87
CA LEU A 260 -1.75 -9.60 2.67
C LEU A 260 -2.87 -10.19 1.82
N ILE A 261 -3.90 -9.36 1.64
CA ILE A 261 -5.20 -9.65 0.97
C ILE A 261 -6.05 -10.35 2.03
N GLN A 262 -7.08 -9.64 2.48
CA GLN A 262 -7.97 -10.11 3.55
C GLN A 262 -9.25 -10.88 3.20
N THR A 263 -9.72 -10.79 1.97
CA THR A 263 -10.93 -11.51 1.56
C THR A 263 -10.71 -12.25 0.24
N ALA A 264 -11.64 -13.16 -0.07
CA ALA A 264 -11.62 -13.95 -1.30
C ALA A 264 -11.93 -13.07 -2.51
N ASP A 265 -12.70 -12.00 -2.27
CA ASP A 265 -13.08 -11.05 -3.31
C ASP A 265 -11.91 -10.13 -3.67
N GLN A 266 -11.04 -9.84 -2.70
CA GLN A 266 -9.86 -9.01 -2.93
C GLN A 266 -8.85 -9.77 -3.79
N LEU A 267 -8.83 -11.11 -3.64
CA LEU A 267 -7.95 -11.98 -4.43
C LEU A 267 -8.49 -12.01 -5.86
N ARG A 268 -9.81 -12.18 -5.99
CA ARG A 268 -10.51 -12.22 -7.28
C ARG A 268 -10.32 -10.92 -8.04
N PHE A 269 -10.37 -9.80 -7.31
CA PHE A 269 -10.17 -8.48 -7.90
C PHE A 269 -8.74 -8.33 -8.42
N SER A 270 -7.77 -8.88 -7.68
CA SER A 270 -6.36 -8.82 -8.07
C SER A 270 -6.15 -9.50 -9.43
N TYR A 271 -6.90 -10.59 -9.66
CA TYR A 271 -6.86 -11.33 -10.94
C TYR A 271 -7.39 -10.43 -12.05
N LEU A 272 -8.56 -9.84 -11.82
CA LEU A 272 -9.25 -8.93 -12.76
C LEU A 272 -8.41 -7.72 -13.14
N ALA A 273 -7.72 -7.17 -12.14
CA ALA A 273 -6.86 -5.99 -12.30
C ALA A 273 -5.63 -6.30 -13.16
N VAL A 274 -5.03 -7.47 -12.94
CA VAL A 274 -3.85 -7.90 -13.68
C VAL A 274 -4.21 -8.28 -15.12
N ILE A 275 -5.33 -8.99 -15.32
CA ILE A 275 -5.78 -9.41 -16.66
C ILE A 275 -6.10 -8.19 -17.55
N GLU A 276 -6.74 -7.18 -16.95
CA GLU A 276 -7.08 -5.94 -17.66
C GLU A 276 -5.84 -5.08 -17.88
N GLY A 277 -4.95 -5.05 -16.88
CA GLY A 277 -3.72 -4.27 -16.97
C GLY A 277 -2.71 -4.82 -17.97
N ALA A 278 -2.77 -6.14 -18.20
CA ALA A 278 -1.88 -6.85 -19.13
C ALA A 278 -1.95 -6.31 -20.56
N LYS A 279 -3.10 -5.75 -20.93
CA LYS A 279 -3.33 -5.18 -22.27
C LYS A 279 -2.43 -3.98 -22.59
N PHE A 280 -2.07 -3.20 -21.57
CA PHE A 280 -1.19 -2.03 -21.70
C PHE A 280 0.26 -2.48 -21.78
N ILE A 281 0.59 -3.50 -20.98
CA ILE A 281 1.94 -4.06 -20.92
C ILE A 281 2.29 -4.79 -22.23
N MET A 282 1.26 -5.24 -22.94
CA MET A 282 1.41 -5.93 -24.23
C MET A 282 1.69 -4.98 -25.41
N GLY A 283 1.55 -3.67 -25.18
CA GLY A 283 1.82 -2.69 -26.22
C GLY A 283 0.67 -1.83 -26.71
N ASP A 284 -0.53 -2.04 -26.18
CA ASP A 284 -1.72 -1.27 -26.58
C ASP A 284 -1.84 -0.04 -25.67
N SER A 285 -1.44 1.12 -26.20
CA SER A 285 -1.46 2.39 -25.48
C SER A 285 -2.84 3.01 -25.28
N SER A 286 -3.79 2.64 -26.13
CA SER A 286 -5.16 3.15 -26.10
C SER A 286 -6.02 2.72 -24.91
N VAL A 287 -5.65 1.61 -24.26
CA VAL A 287 -6.40 1.09 -23.11
C VAL A 287 -6.29 1.98 -21.85
N GLN A 288 -5.21 2.77 -21.76
CA GLN A 288 -4.97 3.68 -20.65
C GLN A 288 -5.95 4.86 -20.73
N ASP A 289 -6.34 5.19 -21.96
CA ASP A 289 -7.30 6.26 -22.24
C ASP A 289 -8.71 5.78 -21.93
N GLN A 290 -8.95 4.48 -22.10
CA GLN A 290 -10.25 3.86 -21.82
C GLN A 290 -10.48 3.77 -20.31
N TRP A 291 -9.40 3.57 -19.55
CA TRP A 291 -9.47 3.49 -18.09
C TRP A 291 -9.83 4.83 -17.49
N LYS A 292 -9.35 5.90 -18.13
CA LYS A 292 -9.59 7.29 -17.72
C LYS A 292 -11.07 7.67 -17.90
N GLU A 293 -11.68 7.14 -18.96
CA GLU A 293 -13.10 7.38 -19.28
C GLU A 293 -14.02 6.61 -18.33
N LEU A 294 -13.75 5.31 -18.17
CA LEU A 294 -14.54 4.41 -17.31
C LEU A 294 -14.37 4.65 -15.80
N SER A 295 -13.29 5.32 -15.40
CA SER A 295 -13.01 5.61 -14.00
C SER A 295 -13.87 6.76 -13.46
N HIS A 296 -14.28 7.64 -14.38
CA HIS A 296 -15.12 8.82 -14.13
C HIS A 296 -14.45 9.80 -13.13
N GLU A 297 -13.14 9.98 -13.28
CA GLU A 297 -12.35 10.86 -12.39
C GLU A 297 -12.77 12.34 -12.40
N ASP A 298 -13.24 12.82 -13.55
CA ASP A 298 -13.70 14.20 -13.69
C ASP A 298 -15.16 14.32 -13.27
N GLU B 5 -12.50 -1.08 17.73
CA GLU B 5 -12.07 -2.42 18.22
C GLU B 5 -10.56 -2.57 18.06
N THR B 6 -9.97 -3.43 18.88
CA THR B 6 -8.53 -3.70 18.84
C THR B 6 -8.14 -4.89 17.96
N ASP B 7 -9.12 -5.40 17.21
CA ASP B 7 -8.93 -6.54 16.29
C ASP B 7 -9.35 -6.18 14.86
N ARG B 10 -11.41 -9.83 12.13
CA ARG B 10 -12.81 -10.07 12.50
C ARG B 10 -13.00 -10.77 13.87
#